data_2BA2
#
_entry.id   2BA2
#
_cell.length_a   42.559
_cell.length_b   38.874
_cell.length_c   68.734
_cell.angle_alpha   90.00
_cell.angle_beta   99.21
_cell.angle_gamma   90.00
#
_symmetry.space_group_name_H-M   'P 1 21 1'
#
loop_
_entity.id
_entity.type
_entity.pdbx_description
1 polymer 'Hypothetical UPF0134 protein MPN010'
2 water water
#
_entity_poly.entity_id   1
_entity_poly.type   'polypeptide(L)'
_entity_poly.pdbx_seq_one_letter_code
;VKTPGTRYVTHKQLDEKLKNFVTKTEFKEFQTVVMESFAVQNQNIDAQGEQIKELQVEQKAQGKTLQLILEALQGINKRL
DNLES
;
_entity_poly.pdbx_strand_id   A,B,C
#
# COMPACT_ATOMS: atom_id res chain seq x y z
N GLY A 5 -46.93 -30.01 24.65
CA GLY A 5 -46.56 -28.87 23.79
C GLY A 5 -45.41 -28.07 24.37
N THR A 6 -44.99 -28.42 25.58
CA THR A 6 -43.89 -27.72 26.22
C THR A 6 -42.55 -27.97 25.53
N ARG A 7 -42.54 -28.92 24.59
CA ARG A 7 -41.32 -29.21 23.85
C ARG A 7 -41.25 -28.30 22.63
N TYR A 8 -42.35 -27.62 22.33
CA TYR A 8 -42.43 -26.76 21.15
C TYR A 8 -42.06 -25.29 21.30
N VAL A 9 -41.62 -24.72 20.19
CA VAL A 9 -41.22 -23.32 20.08
C VAL A 9 -42.42 -22.44 19.78
N THR A 10 -42.60 -21.39 20.56
CA THR A 10 -43.71 -20.46 20.34
C THR A 10 -43.24 -19.40 19.33
N HIS A 11 -44.18 -18.67 18.75
CA HIS A 11 -43.83 -17.63 17.77
C HIS A 11 -42.91 -16.59 18.39
N LYS A 12 -43.14 -16.29 19.67
CA LYS A 12 -42.32 -15.29 20.37
C LYS A 12 -40.91 -15.83 20.61
N GLN A 13 -40.78 -17.11 20.92
CA GLN A 13 -39.45 -17.68 21.16
C GLN A 13 -38.68 -17.75 19.84
N LEU A 14 -39.36 -17.99 18.73
CA LEU A 14 -38.69 -18.04 17.44
C LEU A 14 -38.13 -16.65 17.11
N ASP A 15 -38.97 -15.62 17.28
CA ASP A 15 -38.54 -14.25 17.00
C ASP A 15 -37.34 -13.86 17.87
N GLU A 16 -37.36 -14.26 19.14
CA GLU A 16 -36.26 -13.95 20.04
C GLU A 16 -34.96 -14.65 19.62
N LYS A 17 -35.08 -15.92 19.23
CA LYS A 17 -33.92 -16.68 18.80
C LYS A 17 -33.31 -16.10 17.52
N LEU A 18 -34.17 -15.65 16.62
CA LEU A 18 -33.71 -15.10 15.35
C LEU A 18 -33.02 -13.75 15.49
N LYS A 19 -33.15 -13.13 16.66
CA LYS A 19 -32.52 -11.85 16.92
C LYS A 19 -31.01 -12.04 16.82
N ASN A 20 -30.54 -13.25 17.06
CA ASN A 20 -29.10 -13.51 17.00
C ASN A 20 -28.62 -14.17 15.70
N PHE A 21 -29.35 -13.93 14.61
CA PHE A 21 -28.95 -14.44 13.31
C PHE A 21 -28.97 -13.30 12.29
N VAL A 22 -28.34 -13.50 11.15
CA VAL A 22 -28.21 -12.47 10.12
C VAL A 22 -29.16 -12.57 8.94
N THR A 23 -29.81 -11.46 8.62
CA THR A 23 -30.74 -11.44 7.48
C THR A 23 -29.94 -11.31 6.19
N LYS A 24 -30.50 -11.80 5.09
CA LYS A 24 -29.84 -11.73 3.80
C LYS A 24 -29.52 -10.27 3.47
N THR A 25 -30.44 -9.38 3.81
CA THR A 25 -30.28 -7.94 3.55
C THR A 25 -29.04 -7.37 4.23
N GLU A 26 -28.89 -7.65 5.53
CA GLU A 26 -27.74 -7.17 6.28
C GLU A 26 -26.46 -7.71 5.64
N PHE A 27 -26.46 -9.01 5.35
CA PHE A 27 -25.31 -9.66 4.78
C PHE A 27 -24.95 -9.09 3.40
N LYS A 28 -25.95 -8.92 2.53
CA LYS A 28 -25.70 -8.39 1.19
C LYS A 28 -25.12 -6.99 1.28
N GLU A 29 -25.65 -6.18 2.20
CA GLU A 29 -25.17 -4.82 2.40
C GLU A 29 -23.69 -4.87 2.80
N PHE A 30 -23.35 -5.76 3.71
CA PHE A 30 -21.96 -5.90 4.14
C PHE A 30 -21.08 -6.36 2.96
N GLN A 31 -21.54 -7.36 2.22
CA GLN A 31 -20.76 -7.84 1.07
C GLN A 31 -20.44 -6.70 0.11
N THR A 32 -21.46 -5.94 -0.26
CA THR A 32 -21.29 -4.85 -1.20
C THR A 32 -20.27 -3.81 -0.73
N VAL A 33 -20.43 -3.35 0.51
CA VAL A 33 -19.52 -2.35 1.07
C VAL A 33 -18.09 -2.89 1.10
N VAL A 34 -17.94 -4.17 1.42
CA VAL A 34 -16.61 -4.77 1.47
C VAL A 34 -16.00 -4.88 0.06
N MET A 35 -16.74 -5.43 -0.90
CA MET A 35 -16.17 -5.59 -2.23
C MET A 35 -15.91 -4.22 -2.86
N GLU A 36 -16.80 -3.30 -2.57
CA GLU A 36 -16.67 -1.95 -3.08
C GLU A 36 -15.47 -1.26 -2.43
N SER A 37 -15.20 -1.57 -1.17
CA SER A 37 -14.06 -0.98 -0.48
C SER A 37 -12.75 -1.56 -1.05
N PHE A 38 -12.78 -2.83 -1.45
CA PHE A 38 -11.58 -3.42 -2.03
C PHE A 38 -11.28 -2.70 -3.34
N ALA A 39 -12.34 -2.35 -4.07
CA ALA A 39 -12.17 -1.66 -5.36
C ALA A 39 -11.45 -0.33 -5.12
N VAL A 40 -11.89 0.40 -4.11
CA VAL A 40 -11.27 1.67 -3.77
C VAL A 40 -9.79 1.45 -3.44
N GLN A 41 -9.50 0.42 -2.63
CA GLN A 41 -8.13 0.13 -2.26
C GLN A 41 -7.28 -0.22 -3.48
N ASN A 42 -7.87 -0.94 -4.44
CA ASN A 42 -7.13 -1.28 -5.66
C ASN A 42 -6.67 0.00 -6.34
N GLN A 43 -7.56 0.99 -6.37
CA GLN A 43 -7.24 2.27 -6.98
C GLN A 43 -6.09 2.94 -6.24
N ASN A 44 -6.16 2.94 -4.91
CA ASN A 44 -5.12 3.55 -4.09
C ASN A 44 -3.78 2.84 -4.21
N ILE A 45 -3.80 1.51 -4.13
CA ILE A 45 -2.56 0.73 -4.22
C ILE A 45 -1.90 0.86 -5.58
N ASP A 46 -2.71 0.85 -6.63
CA ASP A 46 -2.16 0.96 -7.98
C ASP A 46 -1.57 2.35 -8.21
N ALA A 47 -2.22 3.36 -7.65
CA ALA A 47 -1.77 4.74 -7.79
C ALA A 47 -0.39 4.88 -7.17
N GLN A 48 -0.18 4.28 -6.00
CA GLN A 48 1.11 4.36 -5.36
C GLN A 48 2.11 3.53 -6.17
N GLY A 49 1.64 2.44 -6.77
CA GLY A 49 2.54 1.62 -7.57
C GLY A 49 3.13 2.44 -8.71
N GLU A 50 2.27 3.29 -9.29
CA GLU A 50 2.65 4.17 -10.40
C GLU A 50 3.60 5.26 -9.91
N GLN A 51 3.37 5.74 -8.68
CA GLN A 51 4.24 6.78 -8.12
C GLN A 51 5.62 6.18 -7.86
N ILE A 52 5.65 4.91 -7.46
CA ILE A 52 6.91 4.24 -7.19
C ILE A 52 7.68 4.06 -8.51
N LYS A 53 6.98 3.66 -9.56
CA LYS A 53 7.61 3.46 -10.86
C LYS A 53 8.26 4.75 -11.34
N GLU A 54 7.57 5.87 -11.15
CA GLU A 54 8.09 7.18 -11.53
C GLU A 54 9.35 7.53 -10.73
N LEU A 55 9.37 7.17 -9.45
CA LEU A 55 10.52 7.44 -8.59
C LEU A 55 11.72 6.60 -9.05
N GLN A 56 11.43 5.38 -9.50
CA GLN A 56 12.45 4.46 -9.97
C GLN A 56 13.13 5.00 -11.22
N VAL A 57 12.33 5.47 -12.16
CA VAL A 57 12.84 6.02 -13.42
C VAL A 57 13.68 7.26 -13.16
N GLU A 58 13.19 8.14 -12.28
CA GLU A 58 13.92 9.36 -11.97
C GLU A 58 15.21 9.08 -11.22
N GLN A 59 15.19 8.11 -10.31
CA GLN A 59 16.38 7.75 -9.54
C GLN A 59 17.44 7.17 -10.46
N LYS A 60 17.01 6.35 -11.42
CA LYS A 60 17.93 5.77 -12.37
C LYS A 60 18.50 6.86 -13.28
N ALA A 61 17.63 7.77 -13.72
CA ALA A 61 18.04 8.88 -14.58
C ALA A 61 19.08 9.75 -13.89
N GLN A 62 18.84 10.07 -12.62
CA GLN A 62 19.78 10.90 -11.87
C GLN A 62 21.06 10.14 -11.56
N GLY A 63 20.95 8.82 -11.39
CA GLY A 63 22.12 8.00 -11.12
C GLY A 63 23.04 8.08 -12.33
N LYS A 64 22.45 8.07 -13.51
CA LYS A 64 23.23 8.16 -14.75
C LYS A 64 23.91 9.53 -14.82
N THR A 65 23.18 10.57 -14.43
CA THR A 65 23.74 11.92 -14.44
C THR A 65 24.92 11.98 -13.49
N LEU A 66 24.77 11.37 -12.32
CA LEU A 66 25.85 11.37 -11.34
C LEU A 66 27.09 10.69 -11.90
N GLN A 67 26.89 9.58 -12.61
CA GLN A 67 28.01 8.85 -13.19
C GLN A 67 28.70 9.71 -14.24
N LEU A 68 27.92 10.47 -15.01
CA LEU A 68 28.49 11.34 -16.04
C LEU A 68 29.36 12.39 -15.37
N ILE A 69 28.88 12.89 -14.23
CA ILE A 69 29.61 13.89 -13.47
C ILE A 69 30.91 13.27 -12.96
N LEU A 70 30.81 12.08 -12.40
CA LEU A 70 31.98 11.38 -11.89
C LEU A 70 33.02 11.23 -13.00
N GLU A 71 32.55 10.97 -14.21
CA GLU A 71 33.44 10.81 -15.35
C GLU A 71 34.06 12.15 -15.70
N ALA A 72 33.25 13.20 -15.65
CA ALA A 72 33.72 14.55 -15.94
C ALA A 72 34.82 14.96 -14.98
N LEU A 73 34.57 14.76 -13.69
CA LEU A 73 35.52 15.12 -12.64
C LEU A 73 36.88 14.47 -12.82
N GLN A 74 36.91 13.23 -13.31
CA GLN A 74 38.19 12.56 -13.52
C GLN A 74 38.95 13.20 -14.68
N GLY A 75 38.24 13.57 -15.73
CA GLY A 75 38.87 14.21 -16.87
C GLY A 75 39.43 15.55 -16.46
N ILE A 76 38.73 16.24 -15.57
CA ILE A 76 39.16 17.55 -15.09
C ILE A 76 40.44 17.38 -14.26
N ASN A 77 40.40 16.47 -13.30
CA ASN A 77 41.54 16.21 -12.43
C ASN A 77 42.79 15.87 -13.21
N LYS A 78 42.62 15.18 -14.34
CA LYS A 78 43.75 14.83 -15.18
C LYS A 78 44.29 16.06 -15.89
N ARG A 79 43.39 16.94 -16.31
CA ARG A 79 43.81 18.16 -17.00
C ARG A 79 44.54 19.07 -16.01
N LEU A 80 44.20 18.95 -14.74
CA LEU A 80 44.83 19.73 -13.69
C LEU A 80 46.19 19.14 -13.34
N ASP A 81 46.29 17.81 -13.36
CA ASP A 81 47.55 17.13 -13.07
C ASP A 81 48.56 17.52 -14.13
N ASN A 82 48.11 17.57 -15.38
CA ASN A 82 48.97 17.93 -16.51
C ASN A 82 49.44 19.38 -16.35
N LEU A 83 48.54 20.25 -15.91
CA LEU A 83 48.87 21.67 -15.73
C LEU A 83 49.85 21.86 -14.58
N GLU A 84 49.70 21.05 -13.54
CA GLU A 84 50.59 21.13 -12.38
C GLU A 84 51.83 20.26 -12.60
N SER A 85 51.93 19.68 -13.80
CA SER A 85 53.04 18.81 -14.18
C SER A 85 52.93 17.42 -13.55
N THR B 6 -44.15 -34.73 13.74
CA THR B 6 -45.03 -33.57 14.08
C THR B 6 -44.93 -32.48 13.03
N ARG B 7 -45.69 -31.41 13.23
CA ARG B 7 -45.69 -30.28 12.31
C ARG B 7 -45.18 -29.07 13.07
N TYR B 8 -45.09 -29.21 14.39
CA TYR B 8 -44.61 -28.11 15.23
C TYR B 8 -43.12 -28.26 15.50
N VAL B 9 -42.42 -27.13 15.59
CA VAL B 9 -40.99 -27.12 15.82
C VAL B 9 -40.61 -27.28 17.30
N THR B 10 -39.77 -28.26 17.61
CA THR B 10 -39.31 -28.47 18.98
C THR B 10 -38.10 -27.58 19.23
N HIS B 11 -37.82 -27.28 20.49
CA HIS B 11 -36.68 -26.45 20.83
C HIS B 11 -35.41 -27.06 20.25
N LYS B 12 -35.27 -28.37 20.37
CA LYS B 12 -34.08 -29.01 19.83
C LYS B 12 -33.97 -28.94 18.32
N GLN B 13 -35.08 -29.19 17.63
CA GLN B 13 -35.08 -29.15 16.16
C GLN B 13 -34.63 -27.79 15.68
N LEU B 14 -35.15 -26.75 16.35
CA LEU B 14 -34.83 -25.37 16.01
C LEU B 14 -33.33 -25.16 16.12
N ASP B 15 -32.78 -25.54 17.27
CA ASP B 15 -31.36 -25.41 17.51
C ASP B 15 -30.55 -26.10 16.42
N GLU B 16 -30.92 -27.33 16.10
CA GLU B 16 -30.25 -28.12 15.08
C GLU B 16 -30.27 -27.44 13.71
N LYS B 17 -31.43 -26.90 13.35
CA LYS B 17 -31.60 -26.22 12.07
C LYS B 17 -30.81 -24.92 11.98
N LEU B 18 -30.85 -24.12 13.04
CA LEU B 18 -30.15 -22.84 13.05
C LEU B 18 -28.64 -23.00 13.01
N LYS B 19 -28.17 -24.21 13.30
CA LYS B 19 -26.75 -24.48 13.26
C LYS B 19 -26.20 -24.31 11.85
N ASN B 20 -27.06 -24.39 10.83
CA ASN B 20 -26.57 -24.19 9.47
C ASN B 20 -26.69 -22.73 9.02
N PHE B 21 -27.03 -21.86 9.96
CA PHE B 21 -27.11 -20.42 9.68
C PHE B 21 -26.04 -19.72 10.52
N VAL B 22 -25.47 -18.63 9.99
CA VAL B 22 -24.43 -17.90 10.70
C VAL B 22 -25.03 -17.02 11.80
N THR B 23 -24.45 -17.10 13.00
CA THR B 23 -24.95 -16.31 14.11
C THR B 23 -24.53 -14.85 13.93
N LYS B 24 -25.31 -13.97 14.57
CA LYS B 24 -25.04 -12.54 14.53
C LYS B 24 -23.65 -12.30 15.14
N THR B 25 -23.35 -12.98 16.24
CA THR B 25 -22.05 -12.81 16.90
C THR B 25 -20.87 -13.18 15.98
N GLU B 26 -20.99 -14.30 15.28
CA GLU B 26 -19.96 -14.74 14.34
C GLU B 26 -19.76 -13.68 13.25
N PHE B 27 -20.90 -13.24 12.72
CA PHE B 27 -20.93 -12.26 11.64
C PHE B 27 -20.34 -10.92 12.10
N LYS B 28 -20.74 -10.49 13.28
CA LYS B 28 -20.26 -9.22 13.82
C LYS B 28 -18.76 -9.25 14.08
N GLU B 29 -18.28 -10.40 14.53
CA GLU B 29 -16.86 -10.58 14.80
C GLU B 29 -16.08 -10.44 13.50
N PHE B 30 -16.58 -11.09 12.45
CA PHE B 30 -15.93 -11.02 11.15
C PHE B 30 -15.95 -9.60 10.60
N GLN B 31 -17.11 -8.95 10.70
CA GLN B 31 -17.25 -7.60 10.21
C GLN B 31 -16.23 -6.66 10.86
N THR B 32 -16.08 -6.77 12.18
CA THR B 32 -15.12 -5.93 12.90
C THR B 32 -13.70 -6.23 12.46
N VAL B 33 -13.42 -7.50 12.20
CA VAL B 33 -12.09 -7.93 11.75
C VAL B 33 -11.79 -7.36 10.36
N VAL B 34 -12.79 -7.37 9.49
CA VAL B 34 -12.64 -6.85 8.14
C VAL B 34 -12.35 -5.34 8.20
N MET B 35 -13.18 -4.62 8.95
CA MET B 35 -13.03 -3.19 9.04
C MET B 35 -11.70 -2.78 9.66
N GLU B 36 -11.24 -3.53 10.64
CA GLU B 36 -9.96 -3.22 11.28
C GLU B 36 -8.81 -3.56 10.34
N SER B 37 -9.02 -4.55 9.47
CA SER B 37 -8.00 -4.95 8.51
C SER B 37 -7.86 -3.87 7.44
N PHE B 38 -8.99 -3.26 7.07
CA PHE B 38 -8.95 -2.18 6.09
C PHE B 38 -8.23 -1.02 6.75
N ALA B 39 -8.47 -0.83 8.06
CA ALA B 39 -7.83 0.25 8.81
C ALA B 39 -6.32 0.11 8.75
N VAL B 40 -5.84 -1.12 8.92
CA VAL B 40 -4.41 -1.42 8.86
C VAL B 40 -3.86 -1.15 7.45
N GLN B 41 -4.61 -1.53 6.43
CA GLN B 41 -4.15 -1.27 5.07
C GLN B 41 -3.99 0.23 4.88
N ASN B 42 -4.95 0.99 5.39
CA ASN B 42 -4.90 2.44 5.26
C ASN B 42 -3.69 2.98 5.99
N GLN B 43 -3.36 2.35 7.10
CA GLN B 43 -2.22 2.72 7.93
C GLN B 43 -0.95 2.59 7.08
N ASN B 44 -0.76 1.42 6.50
CA ASN B 44 0.41 1.14 5.67
C ASN B 44 0.42 1.98 4.39
N ILE B 45 -0.75 2.17 3.78
CA ILE B 45 -0.82 2.97 2.55
C ILE B 45 -0.45 4.42 2.86
N ASP B 46 -0.93 4.93 3.99
CA ASP B 46 -0.61 6.31 4.37
C ASP B 46 0.89 6.44 4.63
N ALA B 47 1.45 5.50 5.37
CA ALA B 47 2.87 5.51 5.68
C ALA B 47 3.74 5.43 4.41
N GLN B 48 3.37 4.56 3.48
CA GLN B 48 4.14 4.44 2.26
C GLN B 48 3.92 5.70 1.41
N GLY B 49 2.75 6.31 1.52
CA GLY B 49 2.50 7.53 0.79
C GLY B 49 3.45 8.62 1.26
N GLU B 50 3.70 8.63 2.57
CA GLU B 50 4.58 9.63 3.16
C GLU B 50 6.02 9.41 2.69
N GLN B 51 6.44 8.15 2.65
CA GLN B 51 7.79 7.82 2.22
C GLN B 51 7.97 8.24 0.77
N ILE B 52 6.92 8.03 -0.02
CA ILE B 52 6.91 8.39 -1.44
C ILE B 52 7.09 9.89 -1.59
N LYS B 53 6.32 10.65 -0.82
CA LYS B 53 6.40 12.11 -0.85
C LYS B 53 7.83 12.54 -0.48
N GLU B 54 8.39 11.89 0.54
CA GLU B 54 9.76 12.18 0.97
C GLU B 54 10.72 12.04 -0.21
N LEU B 55 10.65 10.90 -0.88
CA LEU B 55 11.51 10.60 -2.03
C LEU B 55 11.28 11.60 -3.17
N GLN B 56 10.03 11.96 -3.40
CA GLN B 56 9.70 12.93 -4.45
C GLN B 56 10.39 14.25 -4.11
N VAL B 57 10.31 14.66 -2.84
CA VAL B 57 10.94 15.90 -2.41
C VAL B 57 12.46 15.83 -2.54
N GLU B 58 13.05 14.71 -2.12
CA GLU B 58 14.50 14.56 -2.20
C GLU B 58 14.98 14.55 -3.66
N GLN B 59 14.21 13.92 -4.52
CA GLN B 59 14.57 13.83 -5.93
C GLN B 59 14.53 15.19 -6.62
N LYS B 60 13.48 15.96 -6.34
CA LYS B 60 13.37 17.28 -6.94
C LYS B 60 14.58 18.10 -6.49
N ALA B 61 14.87 18.06 -5.19
CA ALA B 61 16.01 18.78 -4.64
C ALA B 61 17.31 18.39 -5.34
N GLN B 62 17.62 17.10 -5.36
CA GLN B 62 18.83 16.61 -5.98
C GLN B 62 18.86 16.95 -7.47
N GLY B 63 17.69 16.94 -8.09
CA GLY B 63 17.62 17.27 -9.50
C GLY B 63 18.13 18.68 -9.74
N LYS B 64 17.74 19.58 -8.84
CA LYS B 64 18.16 20.99 -8.92
C LYS B 64 19.68 21.09 -8.80
N THR B 65 20.22 20.44 -7.79
CA THR B 65 21.66 20.46 -7.54
C THR B 65 22.44 19.88 -8.72
N LEU B 66 21.95 18.79 -9.29
CA LEU B 66 22.63 18.17 -10.43
C LEU B 66 22.77 19.15 -11.58
N GLN B 67 21.69 19.85 -11.90
CA GLN B 67 21.73 20.81 -12.99
C GLN B 67 22.77 21.88 -12.70
N LEU B 68 22.82 22.33 -11.45
CA LEU B 68 23.78 23.35 -11.05
C LEU B 68 25.19 22.82 -11.27
N ILE B 69 25.42 21.58 -10.86
CA ILE B 69 26.72 20.95 -11.00
C ILE B 69 27.14 20.91 -12.47
N LEU B 70 26.20 20.49 -13.33
CA LEU B 70 26.48 20.41 -14.76
C LEU B 70 26.97 21.79 -15.22
N GLU B 71 26.27 22.84 -14.81
CA GLU B 71 26.67 24.18 -15.18
C GLU B 71 28.08 24.47 -14.65
N ALA B 72 28.31 24.15 -13.39
CA ALA B 72 29.62 24.37 -12.77
C ALA B 72 30.75 23.74 -13.58
N LEU B 73 30.52 22.52 -14.06
CA LEU B 73 31.52 21.82 -14.87
C LEU B 73 31.80 22.61 -16.14
N GLN B 74 30.77 23.29 -16.64
CA GLN B 74 30.88 24.09 -17.85
C GLN B 74 31.89 25.22 -17.61
N GLY B 75 31.75 25.88 -16.46
CA GLY B 75 32.64 26.97 -16.12
C GLY B 75 34.04 26.48 -15.82
N ILE B 76 34.15 25.25 -15.33
CA ILE B 76 35.45 24.66 -15.03
C ILE B 76 36.19 24.36 -16.32
N ASN B 77 35.48 23.79 -17.30
CA ASN B 77 36.09 23.47 -18.58
C ASN B 77 36.58 24.74 -19.26
N LYS B 78 35.85 25.84 -19.08
CA LYS B 78 36.25 27.11 -19.67
C LYS B 78 37.53 27.63 -19.02
N ARG B 79 37.64 27.48 -17.70
CA ARG B 79 38.83 27.94 -17.00
C ARG B 79 40.03 27.09 -17.39
N LEU B 80 39.80 25.79 -17.60
CA LEU B 80 40.86 24.89 -18.00
C LEU B 80 41.35 25.26 -19.39
N ASP B 81 40.42 25.46 -20.32
CA ASP B 81 40.77 25.81 -21.68
C ASP B 81 41.60 27.09 -21.69
N ASN B 82 41.27 28.02 -20.81
CA ASN B 82 42.02 29.27 -20.74
C ASN B 82 43.46 28.98 -20.31
N LEU B 83 43.61 28.10 -19.33
CA LEU B 83 44.93 27.73 -18.82
C LEU B 83 45.72 26.88 -19.81
N GLU B 84 45.03 26.20 -20.71
CA GLU B 84 45.72 25.34 -21.68
C GLU B 84 45.55 25.81 -23.13
N SER B 85 44.30 26.05 -23.52
CA SER B 85 43.98 26.50 -24.87
C SER B 85 43.83 28.02 -24.93
N GLY C 5 -50.98 -24.52 14.23
CA GLY C 5 -49.72 -23.76 14.16
C GLY C 5 -49.85 -22.36 14.73
N THR C 6 -50.98 -22.10 15.37
CA THR C 6 -51.24 -20.80 15.95
C THR C 6 -50.46 -20.53 17.25
N ARG C 7 -50.38 -21.51 18.14
CA ARG C 7 -49.64 -21.27 19.37
C ARG C 7 -48.15 -21.53 19.16
N TYR C 8 -47.85 -22.64 18.50
CA TYR C 8 -46.47 -23.00 18.24
C TYR C 8 -46.12 -22.86 16.76
N VAL C 9 -44.83 -22.67 16.50
CA VAL C 9 -44.33 -22.52 15.15
C VAL C 9 -44.37 -23.87 14.42
N THR C 10 -44.81 -23.86 13.17
CA THR C 10 -44.84 -25.08 12.40
C THR C 10 -43.59 -25.12 11.52
N HIS C 11 -43.23 -26.29 11.03
CA HIS C 11 -42.05 -26.42 10.20
C HIS C 11 -42.16 -25.60 8.90
N LYS C 12 -43.38 -25.42 8.42
CA LYS C 12 -43.59 -24.64 7.20
C LYS C 12 -43.32 -23.18 7.48
N GLN C 13 -43.79 -22.70 8.63
CA GLN C 13 -43.62 -21.30 9.00
C GLN C 13 -42.15 -20.99 9.28
N LEU C 14 -41.43 -21.95 9.83
CA LEU C 14 -40.00 -21.75 10.11
C LEU C 14 -39.20 -21.69 8.80
N ASP C 15 -39.47 -22.63 7.91
CA ASP C 15 -38.78 -22.67 6.62
C ASP C 15 -39.00 -21.36 5.87
N GLU C 16 -40.23 -20.86 5.94
CA GLU C 16 -40.60 -19.62 5.29
C GLU C 16 -39.81 -18.47 5.91
N LYS C 17 -39.69 -18.48 7.23
CA LYS C 17 -38.95 -17.46 7.96
C LYS C 17 -37.47 -17.51 7.62
N LEU C 18 -36.91 -18.73 7.58
CA LEU C 18 -35.48 -18.91 7.31
C LEU C 18 -35.06 -18.51 5.91
N LYS C 19 -36.02 -18.34 5.01
CA LYS C 19 -35.69 -17.93 3.66
C LYS C 19 -34.97 -16.59 3.66
N ASN C 20 -35.23 -15.77 4.67
CA ASN C 20 -34.57 -14.46 4.72
C ASN C 20 -33.31 -14.37 5.57
N PHE C 21 -32.74 -15.51 5.96
CA PHE C 21 -31.53 -15.53 6.77
C PHE C 21 -30.35 -16.17 6.05
N VAL C 22 -29.15 -15.75 6.44
CA VAL C 22 -27.90 -16.23 5.84
C VAL C 22 -27.39 -17.58 6.33
N THR C 23 -27.05 -18.46 5.39
CA THR C 23 -26.53 -19.77 5.74
C THR C 23 -25.04 -19.70 6.02
N LYS C 24 -24.54 -20.66 6.80
CA LYS C 24 -23.11 -20.75 7.11
C LYS C 24 -22.37 -20.91 5.79
N THR C 25 -22.97 -21.65 4.86
CA THR C 25 -22.38 -21.90 3.55
C THR C 25 -22.08 -20.61 2.79
N GLU C 26 -23.07 -19.72 2.76
CA GLU C 26 -22.91 -18.43 2.08
C GLU C 26 -21.89 -17.57 2.82
N PHE C 27 -22.02 -17.53 4.14
CA PHE C 27 -21.12 -16.74 4.99
C PHE C 27 -19.66 -17.13 4.80
N LYS C 28 -19.37 -18.41 4.98
CA LYS C 28 -17.99 -18.91 4.85
C LYS C 28 -17.45 -18.71 3.44
N GLU C 29 -18.31 -18.91 2.45
CA GLU C 29 -17.91 -18.73 1.06
C GLU C 29 -17.37 -17.30 0.91
N PHE C 30 -18.12 -16.33 1.42
CA PHE C 30 -17.71 -14.94 1.34
C PHE C 30 -16.44 -14.67 2.15
N GLN C 31 -16.30 -15.32 3.30
CA GLN C 31 -15.12 -15.13 4.13
C GLN C 31 -13.83 -15.45 3.39
N THR C 32 -13.85 -16.54 2.62
CA THR C 32 -12.67 -16.94 1.86
C THR C 32 -12.33 -15.92 0.78
N VAL C 33 -13.35 -15.36 0.14
CA VAL C 33 -13.17 -14.36 -0.91
C VAL C 33 -12.53 -13.10 -0.31
N VAL C 34 -12.99 -12.74 0.88
CA VAL C 34 -12.46 -11.55 1.56
C VAL C 34 -11.01 -11.79 2.02
N MET C 35 -10.76 -12.93 2.63
CA MET C 35 -9.42 -13.24 3.12
C MET C 35 -8.42 -13.34 1.98
N GLU C 36 -8.83 -13.91 0.85
CA GLU C 36 -7.94 -14.01 -0.29
C GLU C 36 -7.72 -12.61 -0.87
N SER C 37 -8.76 -11.78 -0.81
CA SER C 37 -8.65 -10.42 -1.32
C SER C 37 -7.63 -9.63 -0.52
N PHE C 38 -7.73 -9.70 0.81
CA PHE C 38 -6.77 -9.00 1.65
C PHE C 38 -5.38 -9.53 1.37
N ALA C 39 -5.27 -10.85 1.19
CA ALA C 39 -3.98 -11.49 0.94
C ALA C 39 -3.27 -10.93 -0.29
N VAL C 40 -4.00 -10.84 -1.40
CA VAL C 40 -3.44 -10.33 -2.64
C VAL C 40 -3.09 -8.84 -2.57
N GLN C 41 -3.98 -8.03 -1.98
CA GLN C 41 -3.70 -6.60 -1.87
C GLN C 41 -2.53 -6.36 -0.93
N ASN C 42 -2.53 -7.04 0.21
CA ASN C 42 -1.46 -6.88 1.20
C ASN C 42 -0.12 -7.34 0.68
N GLN C 43 -0.16 -8.29 -0.24
CA GLN C 43 1.06 -8.79 -0.85
C GLN C 43 1.57 -7.69 -1.78
N ASN C 44 0.65 -6.98 -2.42
CA ASN C 44 1.03 -5.88 -3.31
C ASN C 44 1.57 -4.74 -2.47
N ILE C 45 0.88 -4.45 -1.37
CA ILE C 45 1.32 -3.38 -0.48
C ILE C 45 2.71 -3.66 0.08
N ASP C 46 2.98 -4.91 0.43
CA ASP C 46 4.28 -5.29 0.97
C ASP C 46 5.37 -5.20 -0.09
N ALA C 47 5.02 -5.59 -1.32
CA ALA C 47 5.98 -5.53 -2.42
C ALA C 47 6.37 -4.08 -2.69
N GLN C 48 5.40 -3.18 -2.61
CA GLN C 48 5.67 -1.77 -2.84
C GLN C 48 6.51 -1.19 -1.69
N GLY C 49 6.26 -1.68 -0.47
CA GLY C 49 7.04 -1.19 0.66
C GLY C 49 8.49 -1.57 0.45
N GLU C 50 8.70 -2.76 -0.12
CA GLU C 50 10.03 -3.27 -0.41
C GLU C 50 10.72 -2.38 -1.46
N GLN C 51 9.97 -2.00 -2.48
CA GLN C 51 10.52 -1.15 -3.54
C GLN C 51 10.90 0.20 -2.98
N ILE C 52 10.09 0.70 -2.05
CA ILE C 52 10.35 1.99 -1.43
C ILE C 52 11.63 1.91 -0.60
N LYS C 53 11.80 0.83 0.15
CA LYS C 53 12.99 0.68 0.97
C LYS C 53 14.21 0.66 0.05
N GLU C 54 14.08 -0.04 -1.08
CA GLU C 54 15.17 -0.11 -2.06
C GLU C 54 15.49 1.27 -2.60
N LEU C 55 14.47 2.06 -2.90
CA LEU C 55 14.64 3.42 -3.40
C LEU C 55 15.32 4.29 -2.34
N GLN C 56 14.87 4.14 -1.10
CA GLN C 56 15.41 4.92 0.01
C GLN C 56 16.92 4.71 0.18
N VAL C 57 17.37 3.47 0.06
CA VAL C 57 18.79 3.16 0.22
C VAL C 57 19.61 3.77 -0.92
N GLU C 58 19.10 3.66 -2.13
CA GLU C 58 19.81 4.21 -3.27
C GLU C 58 19.82 5.74 -3.22
N GLN C 59 18.75 6.32 -2.70
CA GLN C 59 18.63 7.77 -2.60
C GLN C 59 19.69 8.30 -1.63
N LYS C 60 19.95 7.53 -0.58
CA LYS C 60 20.95 7.92 0.39
C LYS C 60 22.33 7.74 -0.24
N ALA C 61 22.53 6.65 -0.97
CA ALA C 61 23.81 6.40 -1.63
C ALA C 61 24.09 7.55 -2.61
N GLN C 62 23.09 7.96 -3.37
CA GLN C 62 23.26 9.05 -4.32
C GLN C 62 23.57 10.35 -3.60
N GLY C 63 22.91 10.56 -2.45
CA GLY C 63 23.15 11.77 -1.69
C GLY C 63 24.57 11.80 -1.17
N LYS C 64 25.13 10.62 -0.92
CA LYS C 64 26.49 10.49 -0.43
C LYS C 64 27.44 10.82 -1.59
N THR C 65 27.12 10.26 -2.76
CA THR C 65 27.93 10.51 -3.95
C THR C 65 27.93 12.00 -4.27
N LEU C 66 26.76 12.63 -4.22
CA LEU C 66 26.65 14.06 -4.50
C LEU C 66 27.55 14.88 -3.56
N GLN C 67 27.48 14.56 -2.27
CA GLN C 67 28.28 15.24 -1.27
C GLN C 67 29.76 15.16 -1.64
N LEU C 68 30.18 13.99 -2.10
CA LEU C 68 31.56 13.78 -2.50
C LEU C 68 31.89 14.67 -3.69
N ILE C 69 30.96 14.74 -4.64
CA ILE C 69 31.14 15.55 -5.83
C ILE C 69 31.27 17.02 -5.45
N LEU C 70 30.45 17.47 -4.51
CA LEU C 70 30.48 18.86 -4.07
C LEU C 70 31.85 19.20 -3.46
N GLU C 71 32.42 18.24 -2.75
CA GLU C 71 33.73 18.44 -2.15
C GLU C 71 34.78 18.50 -3.25
N ALA C 72 34.71 17.56 -4.19
CA ALA C 72 35.66 17.51 -5.30
C ALA C 72 35.66 18.84 -6.06
N LEU C 73 34.48 19.39 -6.29
CA LEU C 73 34.35 20.66 -7.00
C LEU C 73 35.05 21.78 -6.24
N GLN C 74 35.02 21.69 -4.92
CA GLN C 74 35.67 22.71 -4.09
C GLN C 74 37.18 22.57 -4.28
N GLY C 75 37.65 21.33 -4.35
CA GLY C 75 39.07 21.09 -4.52
C GLY C 75 39.54 21.52 -5.90
N ILE C 76 38.71 21.26 -6.90
CA ILE C 76 39.05 21.64 -8.27
C ILE C 76 39.12 23.16 -8.38
N ASN C 77 38.19 23.85 -7.72
CA ASN C 77 38.17 25.31 -7.76
C ASN C 77 39.38 25.91 -7.06
N LYS C 78 39.85 25.25 -6.02
CA LYS C 78 41.03 25.74 -5.30
C LYS C 78 42.25 25.59 -6.19
N ARG C 79 42.35 24.46 -6.89
CA ARG C 79 43.48 24.22 -7.78
C ARG C 79 43.47 25.19 -8.95
N LEU C 80 42.27 25.49 -9.45
CA LEU C 80 42.15 26.44 -10.55
C LEU C 80 42.57 27.83 -10.09
N ASP C 81 42.11 28.24 -8.92
CA ASP C 81 42.47 29.55 -8.38
C ASP C 81 43.96 29.64 -8.07
N ASN C 82 44.57 28.50 -7.76
CA ASN C 82 45.99 28.45 -7.45
C ASN C 82 46.85 28.78 -8.66
N LEU C 83 46.32 28.51 -9.85
CA LEU C 83 47.06 28.78 -11.08
C LEU C 83 46.61 30.10 -11.69
N GLU C 84 45.54 30.67 -11.15
CA GLU C 84 45.00 31.92 -11.64
C GLU C 84 45.91 33.09 -11.31
N SER C 85 45.72 34.19 -12.04
CA SER C 85 46.51 35.41 -11.87
C SER C 85 46.92 35.64 -10.42
#